data_2YLL
#
_entry.id   2YLL
#
_cell.length_a   78.520
_cell.length_b   109.420
_cell.length_c   112.360
_cell.angle_alpha   90.00
_cell.angle_beta   90.00
_cell.angle_gamma   90.00
#
_symmetry.space_group_name_H-M   'I 2 2 2'
#
loop_
_entity.id
_entity.type
_entity.pdbx_description
1 polymer BETA-N-ACETYLHEXOSAMINIDASE
2 non-polymer 'CALCIUM ION'
3 non-polymer 2-{2-[2-(2-{2-[2-(2-ETHOXY-ETHOXY)-ETHOXY]-ETHOXY}-ETHOXY)-ETHOXY]-ETHOXY}-ETHANOL
4 non-polymer 1,2-ETHANEDIOL
5 non-polymer 'IODIDE ION'
6 water water
#
_entity_poly.entity_id   1
_entity_poly.type   'polypeptide(L)'
_entity_poly.pdbx_seq_one_letter_code
;MGSSHHHHHHSSGLVPRGAMNEKLAKKKIVSIDAGRKYFSPEQLKEIIDKAKHYGYTDLHLLVGNDGLRFMLDDMSITAN
GKTYASDDVKRAIEKGTNDYYNDPNGNHLTESQMTDLINYAKDKGIGLIPTVNSPGHMDAILNAMKELGIQNPNFSYFGK
KSARTVDLDNEQAVAFTKALIDKYAAYFAKKTEIFNIGLDEYANDATDAKGWSVLQADKYYPNEGYPVKGYEKFIAYAND
LARIVKSHGLKPMAFNDGIYYNSDTSFGSFDKDIIVSMWTGGWGGYDVASSKLLAEKGHQILNTNDAWYYVLGRNADGQG
WYNLDQGLNGIKNTPITSVPKTEGADIPIIGGMVAAWADTPSARYSPSRLFKLMRHFANANAEYFAADYESAEQALNEVP
KDLNRYTAESVTAVKEAEKAIRSLDSNLSRAQQDTIDQAIAKLQETVNNLTLTP
;
_entity_poly.pdbx_strand_id   A
#
# COMPACT_ATOMS: atom_id res chain seq x y z
N ALA A 19 -4.40 30.39 -1.55
CA ALA A 19 -5.71 29.67 -1.58
C ALA A 19 -5.56 28.15 -1.75
N MET A 20 -4.35 27.69 -2.07
CA MET A 20 -4.08 26.25 -2.29
C MET A 20 -3.13 25.65 -1.25
N ASN A 21 -3.38 24.41 -0.88
CA ASN A 21 -2.53 23.62 -0.01
C ASN A 21 -2.12 22.36 -0.79
N GLU A 22 -1.36 22.54 -1.88
CA GLU A 22 -1.08 21.46 -2.82
C GLU A 22 -0.25 20.31 -2.23
N LYS A 23 0.69 20.65 -1.36
CA LYS A 23 1.57 19.65 -0.76
C LYS A 23 0.82 18.79 0.23
N LEU A 24 0.09 19.44 1.13
CA LEU A 24 -0.70 18.73 2.13
C LEU A 24 -1.84 17.92 1.53
N ALA A 25 -2.32 18.32 0.36
CA ALA A 25 -3.41 17.62 -0.32
C ALA A 25 -2.97 16.26 -0.88
N LYS A 26 -1.66 16.04 -0.97
CA LYS A 26 -1.15 14.76 -1.50
C LYS A 26 -1.45 13.62 -0.53
N LYS A 27 -1.57 12.40 -1.07
CA LYS A 27 -1.62 11.24 -0.20
C LYS A 27 -0.21 10.93 0.35
N LYS A 28 -0.14 10.61 1.64
CA LYS A 28 1.12 10.10 2.22
C LYS A 28 0.79 8.74 2.82
N ILE A 29 1.45 7.70 2.32
CA ILE A 29 0.97 6.35 2.55
C ILE A 29 2.10 5.50 3.09
N VAL A 30 1.80 4.67 4.08
CA VAL A 30 2.75 3.63 4.51
C VAL A 30 2.21 2.30 4.04
N SER A 31 3.08 1.51 3.39
CA SER A 31 2.69 0.20 2.90
C SER A 31 3.26 -0.91 3.77
N ILE A 32 2.40 -1.89 4.10
CA ILE A 32 2.79 -3.03 4.94
C ILE A 32 2.46 -4.35 4.22
N ASP A 33 3.47 -5.21 4.08
CA ASP A 33 3.35 -6.51 3.42
C ASP A 33 2.77 -7.56 4.38
N ALA A 34 1.45 -7.53 4.57
CA ALA A 34 0.74 -8.54 5.36
C ALA A 34 0.17 -9.66 4.46
N GLY A 35 0.79 -9.84 3.29
CA GLY A 35 0.51 -10.99 2.43
C GLY A 35 1.52 -12.10 2.76
N ARG A 36 2.79 -11.76 2.74
CA ARG A 36 3.82 -12.75 2.98
C ARG A 36 3.84 -13.17 4.45
N LYS A 37 3.52 -12.20 5.31
CA LYS A 37 3.72 -12.33 6.76
C LYS A 37 2.48 -11.89 7.52
N TYR A 38 2.12 -12.63 8.56
CA TYR A 38 1.00 -12.26 9.43
C TYR A 38 1.28 -11.00 10.27
N PHE A 39 0.33 -10.06 10.26
CA PHE A 39 0.30 -8.95 11.23
C PHE A 39 -1.03 -9.02 11.96
N SER A 40 -1.01 -8.88 13.29
CA SER A 40 -2.25 -8.94 14.08
C SER A 40 -3.02 -7.61 14.00
N PRO A 41 -4.32 -7.65 14.32
CA PRO A 41 -5.06 -6.39 14.44
C PRO A 41 -4.40 -5.40 15.39
N GLU A 42 -3.87 -5.86 16.54
CA GLU A 42 -3.19 -4.96 17.48
C GLU A 42 -1.97 -4.27 16.84
N GLN A 43 -1.17 -5.04 16.12
CA GLN A 43 0.02 -4.51 15.45
C GLN A 43 -0.37 -3.49 14.39
N LEU A 44 -1.42 -3.79 13.63
CA LEU A 44 -1.87 -2.87 12.57
C LEU A 44 -2.47 -1.58 13.12
N LYS A 45 -3.17 -1.68 14.26
CA LYS A 45 -3.69 -0.47 14.91
C LYS A 45 -2.57 0.42 15.40
N GLU A 46 -1.48 -0.18 15.88
CA GLU A 46 -0.33 0.59 16.31
C GLU A 46 0.32 1.32 15.11
N ILE A 47 0.35 0.65 13.97
CA ILE A 47 0.89 1.25 12.74
C ILE A 47 -0.01 2.41 12.31
N ILE A 48 -1.32 2.20 12.41
CA ILE A 48 -2.29 3.26 12.11
C ILE A 48 -2.08 4.47 13.04
N ASP A 49 -1.88 4.20 14.33
CA ASP A 49 -1.64 5.27 15.31
C ASP A 49 -0.43 6.12 14.91
N LYS A 50 0.69 5.47 14.59
CA LYS A 50 1.91 6.15 14.18
C LYS A 50 1.72 6.87 12.86
N ALA A 51 1.01 6.25 11.91
CA ALA A 51 0.68 6.93 10.64
C ALA A 51 -0.03 8.25 10.92
N LYS A 52 -1.06 8.22 11.76
CA LYS A 52 -1.81 9.42 12.09
C LYS A 52 -0.89 10.46 12.74
N HIS A 53 -0.11 10.01 13.71
CA HIS A 53 0.79 10.86 14.47
C HIS A 53 1.78 11.59 13.57
N TYR A 54 2.33 10.86 12.59
CA TYR A 54 3.35 11.43 11.70
C TYR A 54 2.78 12.24 10.54
N GLY A 55 1.47 12.26 10.38
CA GLY A 55 0.82 13.07 9.35
C GLY A 55 0.53 12.37 8.03
N TYR A 56 0.52 11.04 8.05
CA TYR A 56 0.13 10.26 6.87
C TYR A 56 -1.38 10.34 6.62
N THR A 57 -1.81 9.90 5.44
CA THR A 57 -3.24 9.83 5.11
C THR A 57 -3.81 8.42 4.98
N ASP A 58 -2.94 7.43 4.69
CA ASP A 58 -3.42 6.09 4.34
C ASP A 58 -2.50 4.98 4.77
N LEU A 59 -3.09 3.82 5.07
CA LEU A 59 -2.37 2.56 5.20
C LEU A 59 -2.64 1.68 3.96
N HIS A 60 -1.57 1.28 3.30
CA HIS A 60 -1.65 0.40 2.15
C HIS A 60 -1.29 -1.00 2.66
N LEU A 61 -2.32 -1.83 2.77
CA LEU A 61 -2.16 -3.13 3.43
C LEU A 61 -2.23 -4.24 2.40
N LEU A 62 -1.09 -4.84 2.07
CA LEU A 62 -1.14 -6.00 1.19
C LEU A 62 -1.68 -7.16 2.02
N VAL A 63 -2.71 -7.82 1.52
CA VAL A 63 -3.21 -9.02 2.17
C VAL A 63 -3.06 -10.26 1.28
N GLY A 64 -3.03 -10.04 -0.04
CA GLY A 64 -2.67 -11.06 -1.02
C GLY A 64 -1.35 -10.63 -1.65
N ASN A 65 -0.27 -11.28 -1.24
CA ASN A 65 1.08 -11.02 -1.76
C ASN A 65 1.95 -12.22 -1.42
N ASP A 66 2.05 -13.13 -2.38
CA ASP A 66 2.55 -14.50 -2.20
C ASP A 66 1.60 -15.29 -1.30
N GLY A 67 1.60 -14.98 0.00
CA GLY A 67 0.59 -15.56 0.88
C GLY A 67 -0.72 -14.78 0.73
N LEU A 68 -1.82 -15.40 1.14
CA LEU A 68 -3.12 -14.73 1.20
C LEU A 68 -3.66 -14.81 2.63
N ARG A 69 -3.81 -13.66 3.25
CA ARG A 69 -4.01 -13.57 4.71
C ARG A 69 -5.22 -12.69 5.11
N PHE A 70 -6.31 -12.86 4.38
CA PHE A 70 -7.56 -12.18 4.70
C PHE A 70 -8.72 -13.03 4.22
N MET A 71 -9.54 -13.47 5.17
CA MET A 71 -10.66 -14.36 4.86
C MET A 71 -12.00 -13.69 5.08
N LEU A 72 -12.81 -13.62 4.03
CA LEU A 72 -14.18 -13.15 4.14
C LEU A 72 -15.03 -14.22 4.83
N ASP A 73 -16.15 -13.80 5.42
CA ASP A 73 -17.07 -14.76 6.05
C ASP A 73 -17.65 -15.73 5.03
N ASP A 74 -17.99 -15.21 3.86
CA ASP A 74 -18.42 -16.07 2.74
C ASP A 74 -17.34 -16.04 1.67
N MET A 75 -16.63 -17.17 1.50
CA MET A 75 -15.60 -17.28 0.45
C MET A 75 -16.05 -18.16 -0.72
N SER A 76 -17.35 -18.43 -0.85
CA SER A 76 -17.82 -19.21 -1.98
C SER A 76 -17.52 -18.48 -3.29
N ILE A 77 -17.04 -19.24 -4.29
CA ILE A 77 -16.63 -18.67 -5.56
C ILE A 77 -17.33 -19.36 -6.70
N THR A 78 -18.03 -18.58 -7.51
CA THR A 78 -18.67 -19.12 -8.69
C THR A 78 -17.84 -18.84 -9.94
N ALA A 79 -17.35 -19.91 -10.55
CA ALA A 79 -16.59 -19.86 -11.79
C ALA A 79 -16.61 -21.26 -12.40
N ASN A 80 -16.24 -21.33 -13.67
CA ASN A 80 -16.05 -22.63 -14.34
C ASN A 80 -17.31 -23.50 -14.30
N GLY A 81 -18.47 -22.85 -14.40
CA GLY A 81 -19.77 -23.51 -14.43
C GLY A 81 -20.23 -24.09 -13.10
N LYS A 82 -19.54 -23.76 -12.02
CA LYS A 82 -19.85 -24.31 -10.71
C LYS A 82 -19.59 -23.31 -9.59
N THR A 83 -19.91 -23.70 -8.37
CA THR A 83 -19.53 -22.93 -7.19
C THR A 83 -18.59 -23.79 -6.35
N TYR A 84 -17.49 -23.19 -5.93
CA TYR A 84 -16.58 -23.80 -4.97
C TYR A 84 -17.06 -23.34 -3.59
N ALA A 85 -17.36 -24.32 -2.72
CA ALA A 85 -17.99 -24.02 -1.43
C ALA A 85 -17.10 -23.16 -0.55
N SER A 86 -17.75 -22.30 0.23
CA SER A 86 -17.03 -21.33 1.05
C SER A 86 -16.02 -22.03 1.98
N ASP A 87 -16.45 -23.08 2.68
CA ASP A 87 -15.56 -23.73 3.63
C ASP A 87 -14.41 -24.46 2.93
N ASP A 88 -14.64 -24.93 1.70
CA ASP A 88 -13.56 -25.54 0.91
C ASP A 88 -12.55 -24.48 0.44
N VAL A 89 -13.06 -23.35 -0.05
CA VAL A 89 -12.19 -22.24 -0.45
C VAL A 89 -11.34 -21.77 0.73
N LYS A 90 -11.97 -21.63 1.91
CA LYS A 90 -11.24 -21.22 3.11
C LYS A 90 -10.14 -22.18 3.47
N ARG A 91 -10.48 -23.47 3.49
CA ARG A 91 -9.52 -24.49 3.86
C ARG A 91 -8.38 -24.53 2.82
N ALA A 92 -8.71 -24.38 1.53
CA ALA A 92 -7.71 -24.37 0.45
C ALA A 92 -6.76 -23.17 0.56
N ILE A 93 -7.32 -22.01 0.87
CA ILE A 93 -6.50 -20.81 1.05
C ILE A 93 -5.63 -20.86 2.31
N GLU A 94 -6.21 -21.27 3.44
CA GLU A 94 -5.42 -21.43 4.67
C GLU A 94 -4.24 -22.38 4.43
N LYS A 95 -4.52 -23.51 3.80
CA LYS A 95 -3.48 -24.50 3.49
C LYS A 95 -2.47 -23.97 2.49
N GLY A 96 -2.97 -23.30 1.45
CA GLY A 96 -2.11 -22.76 0.41
C GLY A 96 -1.16 -21.69 0.92
N THR A 97 -1.67 -20.84 1.81
CA THR A 97 -0.85 -19.84 2.49
C THR A 97 0.19 -20.52 3.38
N ASN A 98 -0.23 -21.54 4.13
CA ASN A 98 0.72 -22.28 4.99
C ASN A 98 1.84 -22.95 4.19
N ASP A 99 1.48 -23.46 3.02
CA ASP A 99 2.47 -24.04 2.11
C ASP A 99 3.49 -22.99 1.70
N TYR A 100 3.05 -21.74 1.51
CA TYR A 100 3.99 -20.65 1.21
C TYR A 100 4.87 -20.32 2.42
N TYR A 101 4.22 -20.06 3.56
CA TYR A 101 4.88 -19.81 4.86
C TYR A 101 3.89 -20.01 5.99
N ASN A 102 4.16 -21.00 6.85
CA ASN A 102 3.28 -21.25 7.98
C ASN A 102 3.75 -20.39 9.14
N ASP A 103 3.12 -19.22 9.27
CA ASP A 103 3.57 -18.20 10.21
C ASP A 103 3.09 -18.59 11.62
N PRO A 104 4.02 -18.78 12.57
CA PRO A 104 3.59 -19.13 13.93
C PRO A 104 2.72 -18.06 14.62
N ASN A 105 2.82 -16.82 14.15
CA ASN A 105 2.00 -15.74 14.72
C ASN A 105 0.53 -15.72 14.33
N GLY A 106 0.19 -16.35 13.20
CA GLY A 106 -1.19 -16.36 12.69
C GLY A 106 -1.23 -16.70 11.21
N ASN A 107 -2.43 -16.98 10.72
CA ASN A 107 -2.63 -17.32 9.31
C ASN A 107 -3.30 -16.18 8.53
N HIS A 108 -4.41 -15.64 9.06
CA HIS A 108 -5.18 -14.60 8.33
C HIS A 108 -5.97 -13.72 9.27
N LEU A 109 -6.28 -12.52 8.79
CA LEU A 109 -7.29 -11.65 9.39
C LEU A 109 -8.67 -12.11 8.94
N THR A 110 -9.65 -12.00 9.84
CA THR A 110 -11.03 -12.35 9.53
C THR A 110 -11.78 -11.12 9.04
N GLU A 111 -12.99 -11.32 8.53
CA GLU A 111 -13.79 -10.19 8.06
C GLU A 111 -14.11 -9.21 9.19
N SER A 112 -14.46 -9.74 10.36
CA SER A 112 -14.77 -8.89 11.51
C SER A 112 -13.57 -8.04 11.89
N GLN A 113 -12.38 -8.64 11.87
CA GLN A 113 -11.16 -7.92 12.25
C GLN A 113 -10.86 -6.83 11.23
N MET A 114 -11.05 -7.14 9.95
CA MET A 114 -10.81 -6.15 8.89
C MET A 114 -11.78 -4.98 8.94
N THR A 115 -13.06 -5.27 9.16
CA THR A 115 -14.09 -4.22 9.27
C THR A 115 -13.79 -3.29 10.44
N ASP A 116 -13.43 -3.89 11.57
CA ASP A 116 -13.04 -3.13 12.74
C ASP A 116 -11.80 -2.29 12.46
N LEU A 117 -10.81 -2.86 11.77
CA LEU A 117 -9.57 -2.16 11.48
C LEU A 117 -9.83 -0.94 10.61
N ILE A 118 -10.62 -1.13 9.56
CA ILE A 118 -10.94 -0.04 8.64
C ILE A 118 -11.70 1.10 9.36
N ASN A 119 -12.64 0.72 10.22
CA ASN A 119 -13.37 1.68 11.05
C ASN A 119 -12.46 2.43 12.01
N TYR A 120 -11.53 1.71 12.63
CA TYR A 120 -10.57 2.30 13.54
C TYR A 120 -9.73 3.35 12.82
N ALA A 121 -9.25 3.00 11.63
CA ALA A 121 -8.49 3.94 10.80
C ALA A 121 -9.36 5.11 10.34
N LYS A 122 -10.58 4.83 9.92
CA LYS A 122 -11.47 5.90 9.44
C LYS A 122 -11.70 6.95 10.54
N ASP A 123 -11.94 6.48 11.77
CA ASP A 123 -12.17 7.40 12.88
CA ASP A 123 -12.13 7.35 12.93
C ASP A 123 -10.97 8.32 13.12
N LYS A 124 -9.78 7.90 12.68
CA LYS A 124 -8.58 8.72 12.80
C LYS A 124 -8.24 9.53 11.54
N GLY A 125 -9.07 9.43 10.52
CA GLY A 125 -8.80 10.12 9.25
C GLY A 125 -7.74 9.41 8.42
N ILE A 126 -7.60 8.11 8.63
CA ILE A 126 -6.67 7.29 7.83
C ILE A 126 -7.47 6.32 6.95
N GLY A 127 -7.16 6.33 5.66
CA GLY A 127 -7.78 5.38 4.73
C GLY A 127 -7.01 4.08 4.69
N LEU A 128 -7.66 3.02 4.22
CA LEU A 128 -6.99 1.73 4.05
C LEU A 128 -7.07 1.33 2.59
N ILE A 129 -5.93 0.91 2.01
CA ILE A 129 -5.90 0.50 0.61
C ILE A 129 -5.38 -0.93 0.59
N PRO A 130 -6.23 -1.89 0.21
CA PRO A 130 -5.77 -3.28 0.18
C PRO A 130 -5.10 -3.65 -1.14
N THR A 131 -4.20 -4.65 -1.10
CA THR A 131 -3.72 -5.33 -2.31
C THR A 131 -4.05 -6.81 -2.24
N VAL A 132 -4.57 -7.35 -3.35
CA VAL A 132 -4.70 -8.81 -3.55
C VAL A 132 -4.02 -9.07 -4.89
N ASN A 133 -2.78 -9.53 -4.82
CA ASN A 133 -1.91 -9.54 -6.01
C ASN A 133 -2.22 -10.68 -6.97
N SER A 134 -2.18 -10.38 -8.26
CA SER A 134 -2.20 -11.35 -9.36
C SER A 134 -1.72 -10.57 -10.58
N PRO A 135 -1.33 -11.23 -11.69
CA PRO A 135 -1.20 -12.68 -11.92
C PRO A 135 0.11 -13.26 -11.38
N GLY A 136 1.01 -12.41 -10.89
CA GLY A 136 2.20 -12.82 -10.14
C GLY A 136 1.94 -12.80 -8.64
N HIS A 137 2.97 -13.13 -7.84
CA HIS A 137 2.85 -13.06 -6.38
C HIS A 137 1.54 -13.64 -5.83
N MET A 138 1.15 -14.80 -6.32
CA MET A 138 -0.11 -15.43 -5.90
C MET A 138 0.07 -16.92 -5.57
N ASP A 139 1.22 -17.25 -4.97
CA ASP A 139 1.54 -18.62 -4.55
C ASP A 139 0.37 -19.29 -3.85
N ALA A 140 -0.23 -18.59 -2.90
CA ALA A 140 -1.26 -19.19 -2.06
C ALA A 140 -2.56 -19.43 -2.84
N ILE A 141 -2.89 -18.50 -3.74
CA ILE A 141 -4.07 -18.67 -4.58
C ILE A 141 -3.87 -19.83 -5.56
N LEU A 142 -2.67 -19.94 -6.11
CA LEU A 142 -2.35 -21.06 -7.00
C LEU A 142 -2.48 -22.37 -6.22
N ASN A 143 -1.90 -22.42 -5.03
CA ASN A 143 -2.02 -23.58 -4.16
C ASN A 143 -3.48 -23.89 -3.86
N ALA A 144 -4.26 -22.86 -3.50
CA ALA A 144 -5.70 -23.05 -3.21
C ALA A 144 -6.45 -23.65 -4.40
N MET A 145 -6.22 -23.12 -5.60
CA MET A 145 -6.86 -23.65 -6.80
C MET A 145 -6.58 -25.14 -6.97
N LYS A 146 -5.33 -25.54 -6.75
CA LYS A 146 -4.98 -26.96 -6.87
C LYS A 146 -5.70 -27.81 -5.83
N GLU A 147 -5.82 -27.28 -4.61
CA GLU A 147 -6.55 -27.97 -3.53
C GLU A 147 -8.03 -28.12 -3.86
N LEU A 148 -8.58 -27.17 -4.62
CA LEU A 148 -9.98 -27.26 -5.03
C LEU A 148 -10.15 -28.23 -6.19
N GLY A 149 -9.05 -28.52 -6.89
CA GLY A 149 -9.04 -29.48 -7.99
C GLY A 149 -8.81 -28.90 -9.37
N ILE A 150 -8.60 -27.60 -9.45
CA ILE A 150 -8.32 -26.91 -10.71
C ILE A 150 -6.95 -27.36 -11.22
N GLN A 151 -6.86 -27.75 -12.50
CA GLN A 151 -5.64 -28.36 -13.03
C GLN A 151 -4.65 -27.34 -13.57
N ASN A 152 -3.35 -27.61 -13.37
CA ASN A 152 -2.26 -26.85 -14.01
C ASN A 152 -2.41 -25.32 -14.00
N PRO A 153 -2.71 -24.72 -12.84
CA PRO A 153 -2.87 -23.25 -12.86
C PRO A 153 -1.57 -22.46 -13.08
N ASN A 154 -0.42 -23.05 -12.73
CA ASN A 154 0.85 -22.32 -12.75
C ASN A 154 1.40 -22.09 -14.15
N PHE A 155 1.97 -20.91 -14.35
CA PHE A 155 2.73 -20.60 -15.56
C PHE A 155 4.03 -21.41 -15.57
N SER A 156 4.42 -21.90 -16.76
CA SER A 156 5.71 -22.56 -16.89
C SER A 156 6.48 -22.04 -18.10
N TYR A 157 7.80 -22.06 -18.00
CA TYR A 157 8.66 -21.50 -19.02
C TYR A 157 9.81 -22.47 -19.29
N PHE A 158 9.72 -23.13 -20.44
CA PHE A 158 10.69 -24.15 -20.86
C PHE A 158 11.08 -25.13 -19.75
N GLY A 159 10.06 -25.76 -19.16
CA GLY A 159 10.27 -26.75 -18.11
C GLY A 159 10.44 -26.23 -16.70
N LYS A 160 10.46 -24.91 -16.54
CA LYS A 160 10.54 -24.30 -15.21
C LYS A 160 9.15 -23.79 -14.82
N LYS A 161 8.56 -24.41 -13.79
CA LYS A 161 7.23 -24.03 -13.33
C LYS A 161 7.34 -22.85 -12.35
N SER A 162 6.50 -21.83 -12.50
CA SER A 162 6.48 -20.74 -11.54
C SER A 162 5.66 -21.13 -10.31
N ALA A 163 6.18 -20.85 -9.13
CA ALA A 163 5.46 -21.07 -7.88
C ALA A 163 4.45 -19.96 -7.60
N ARG A 164 4.60 -18.81 -8.26
CA ARG A 164 3.89 -17.58 -7.87
C ARG A 164 2.97 -17.01 -8.94
N THR A 165 3.09 -17.51 -10.17
CA THR A 165 2.41 -16.87 -11.31
C THR A 165 1.43 -17.79 -12.04
N VAL A 166 0.22 -17.28 -12.25
CA VAL A 166 -0.82 -18.00 -12.97
C VAL A 166 -0.59 -17.98 -14.49
N ASP A 167 -0.97 -19.07 -15.15
CA ASP A 167 -0.92 -19.21 -16.62
C ASP A 167 -2.16 -18.55 -17.23
N LEU A 168 -1.97 -17.49 -18.02
CA LEU A 168 -3.11 -16.74 -18.59
C LEU A 168 -3.83 -17.50 -19.70
N ASP A 169 -3.22 -18.56 -20.18
CA ASP A 169 -3.86 -19.50 -21.12
C ASP A 169 -4.78 -20.48 -20.42
N ASN A 170 -4.73 -20.52 -19.09
CA ASN A 170 -5.57 -21.45 -18.35
C ASN A 170 -6.87 -20.76 -17.96
N GLU A 171 -7.92 -20.99 -18.76
CA GLU A 171 -9.18 -20.25 -18.62
C GLU A 171 -9.84 -20.51 -17.26
N GLN A 172 -9.75 -21.74 -16.77
CA GLN A 172 -10.31 -22.12 -15.47
C GLN A 172 -9.60 -21.42 -14.29
N ALA A 173 -8.27 -21.36 -14.35
CA ALA A 173 -7.48 -20.69 -13.30
C ALA A 173 -7.73 -19.18 -13.34
N VAL A 174 -7.76 -18.62 -14.54
CA VAL A 174 -8.00 -17.20 -14.71
C VAL A 174 -9.40 -16.82 -14.21
N ALA A 175 -10.40 -17.63 -14.57
CA ALA A 175 -11.78 -17.34 -14.20
C ALA A 175 -11.96 -17.38 -12.68
N PHE A 176 -11.33 -18.35 -12.03
CA PHE A 176 -11.38 -18.43 -10.56
C PHE A 176 -10.76 -17.21 -9.91
N THR A 177 -9.56 -16.85 -10.38
CA THR A 177 -8.81 -15.72 -9.82
C THR A 177 -9.65 -14.45 -9.96
N LYS A 178 -10.18 -14.19 -11.15
CA LYS A 178 -11.01 -12.99 -11.36
C LYS A 178 -12.20 -12.98 -10.39
N ALA A 179 -12.87 -14.12 -10.24
CA ALA A 179 -14.02 -14.20 -9.32
C ALA A 179 -13.60 -13.94 -7.86
N LEU A 180 -12.39 -14.36 -7.50
CA LEU A 180 -11.86 -14.10 -6.17
C LEU A 180 -11.63 -12.60 -5.95
N ILE A 181 -10.98 -11.94 -6.92
CA ILE A 181 -10.79 -10.49 -6.85
C ILE A 181 -12.14 -9.76 -6.74
N ASP A 182 -13.11 -10.18 -7.56
CA ASP A 182 -14.46 -9.64 -7.51
C ASP A 182 -15.04 -9.76 -6.08
N LYS A 183 -14.88 -10.93 -5.47
CA LYS A 183 -15.41 -11.18 -4.11
C LYS A 183 -14.77 -10.21 -3.09
N TYR A 184 -13.45 -10.04 -3.13
CA TYR A 184 -12.77 -9.09 -2.24
C TYR A 184 -13.17 -7.66 -2.53
N ALA A 185 -13.22 -7.31 -3.82
CA ALA A 185 -13.61 -5.94 -4.20
C ALA A 185 -15.03 -5.59 -3.73
N ALA A 186 -15.95 -6.55 -3.77
CA ALA A 186 -17.31 -6.32 -3.28
C ALA A 186 -17.32 -6.00 -1.79
N TYR A 187 -16.45 -6.68 -1.03
CA TYR A 187 -16.32 -6.43 0.39
C TYR A 187 -15.78 -5.02 0.66
N PHE A 188 -14.74 -4.65 -0.09
CA PHE A 188 -14.05 -3.38 0.15
C PHE A 188 -14.83 -2.19 -0.38
N ALA A 189 -15.81 -2.44 -1.24
CA ALA A 189 -16.71 -1.39 -1.76
C ALA A 189 -17.24 -0.52 -0.64
N LYS A 190 -17.26 0.79 -0.87
CA LYS A 190 -17.83 1.78 0.06
C LYS A 190 -16.94 2.08 1.27
N LYS A 191 -16.23 1.09 1.80
CA LYS A 191 -15.38 1.31 2.98
C LYS A 191 -13.93 1.69 2.64
N THR A 192 -13.57 1.63 1.36
CA THR A 192 -12.26 2.05 0.86
C THR A 192 -12.48 2.78 -0.47
N GLU A 193 -11.42 3.34 -1.03
CA GLU A 193 -11.53 4.06 -2.32
C GLU A 193 -10.64 3.51 -3.43
N ILE A 194 -9.54 2.82 -3.07
CA ILE A 194 -8.56 2.30 -4.03
C ILE A 194 -8.35 0.83 -3.74
N PHE A 195 -8.27 0.01 -4.80
CA PHE A 195 -7.97 -1.41 -4.68
C PHE A 195 -6.75 -1.68 -5.56
N ASN A 196 -5.67 -2.16 -4.95
CA ASN A 196 -4.44 -2.48 -5.68
C ASN A 196 -4.47 -3.91 -6.21
N ILE A 197 -4.55 -4.05 -7.54
CA ILE A 197 -4.55 -5.36 -8.18
C ILE A 197 -3.12 -5.90 -8.45
N GLY A 198 -2.11 -5.09 -8.17
CA GLY A 198 -0.71 -5.56 -8.17
C GLY A 198 -0.10 -5.57 -9.55
N LEU A 199 -0.20 -6.71 -10.24
CA LEU A 199 0.31 -6.88 -11.61
C LEU A 199 1.84 -6.88 -11.79
N ASP A 200 2.58 -6.85 -10.68
CA ASP A 200 4.05 -6.77 -10.75
C ASP A 200 4.74 -8.12 -10.96
N GLU A 201 5.90 -8.07 -11.60
CA GLU A 201 6.87 -9.16 -11.57
C GLU A 201 6.36 -10.52 -12.06
N TYR A 202 5.79 -10.53 -13.28
CA TYR A 202 5.27 -11.75 -13.88
C TYR A 202 6.35 -12.84 -13.98
N ALA A 203 6.07 -14.01 -13.39
CA ALA A 203 6.96 -15.18 -13.48
C ALA A 203 8.42 -14.87 -13.17
N ASN A 204 8.64 -14.00 -12.19
CA ASN A 204 9.98 -13.59 -11.80
C ASN A 204 10.87 -14.81 -11.47
N ASP A 205 10.30 -15.78 -10.77
CA ASP A 205 11.06 -16.98 -10.40
C ASP A 205 11.43 -17.85 -11.60
N ALA A 206 10.44 -18.20 -12.40
CA ALA A 206 10.61 -19.12 -13.51
C ALA A 206 11.43 -18.56 -14.68
N THR A 207 11.51 -17.25 -14.78
CA THR A 207 12.18 -16.62 -15.92
C THR A 207 13.40 -15.81 -15.55
N ASP A 208 13.87 -15.93 -14.30
CA ASP A 208 15.00 -15.14 -13.81
C ASP A 208 14.79 -13.64 -14.06
N ALA A 209 13.60 -13.17 -13.68
CA ALA A 209 13.22 -11.77 -13.82
C ALA A 209 13.17 -11.28 -15.28
N LYS A 210 12.79 -12.15 -16.20
CA LYS A 210 12.61 -11.77 -17.61
C LYS A 210 11.17 -11.98 -18.07
N GLY A 211 10.22 -11.94 -17.13
CA GLY A 211 8.85 -12.33 -17.42
C GLY A 211 8.10 -11.49 -18.45
N TRP A 212 8.24 -10.18 -18.38
CA TRP A 212 7.57 -9.33 -19.36
C TRP A 212 8.18 -9.51 -20.75
N SER A 213 9.51 -9.62 -20.83
CA SER A 213 10.21 -9.91 -22.10
C SER A 213 9.70 -11.21 -22.69
N VAL A 214 9.52 -12.20 -21.83
CA VAL A 214 9.04 -13.49 -22.24
C VAL A 214 7.63 -13.37 -22.85
N LEU A 215 6.75 -12.60 -22.20
CA LEU A 215 5.36 -12.47 -22.67
C LEU A 215 5.26 -11.72 -23.99
N GLN A 216 6.17 -10.77 -24.21
CA GLN A 216 6.21 -10.01 -25.45
C GLN A 216 6.98 -10.71 -26.58
N ALA A 217 7.79 -11.70 -26.25
CA ALA A 217 8.79 -12.25 -27.19
C ALA A 217 8.26 -12.91 -28.47
N ASP A 218 7.12 -13.59 -28.38
CA ASP A 218 6.59 -14.31 -29.54
C ASP A 218 6.23 -13.38 -30.70
N LYS A 219 5.78 -12.16 -30.38
CA LYS A 219 5.44 -11.20 -31.41
C LYS A 219 6.64 -10.89 -32.30
N TYR A 220 7.82 -10.84 -31.71
CA TYR A 220 9.03 -10.42 -32.43
C TYR A 220 9.98 -11.57 -32.76
N TYR A 221 9.85 -12.67 -32.02
CA TYR A 221 10.68 -13.86 -32.23
C TYR A 221 9.78 -15.08 -32.33
N PRO A 222 9.00 -15.19 -33.42
CA PRO A 222 8.05 -16.29 -33.54
C PRO A 222 8.75 -17.64 -33.76
N ASN A 223 8.00 -18.72 -33.57
CA ASN A 223 8.48 -20.10 -33.76
C ASN A 223 9.72 -20.45 -32.93
N GLU A 224 9.81 -19.85 -31.75
CA GLU A 224 10.90 -20.13 -30.83
C GLU A 224 10.37 -20.64 -29.50
N GLY A 225 9.06 -20.91 -29.46
CA GLY A 225 8.43 -21.49 -28.26
C GLY A 225 8.00 -20.50 -27.18
N TYR A 226 8.05 -19.21 -27.47
CA TYR A 226 7.58 -18.20 -26.52
C TYR A 226 6.04 -18.19 -26.46
N PRO A 227 5.45 -17.78 -25.32
CA PRO A 227 3.99 -17.85 -25.14
C PRO A 227 3.23 -17.01 -26.16
N VAL A 228 2.38 -17.66 -26.94
CA VAL A 228 1.63 -17.00 -27.99
C VAL A 228 0.63 -16.02 -27.40
N LYS A 229 0.70 -14.77 -27.86
CA LYS A 229 -0.12 -13.66 -27.41
C LYS A 229 0.00 -13.45 -25.90
N GLY A 230 1.16 -13.76 -25.35
CA GLY A 230 1.39 -13.66 -23.91
C GLY A 230 1.08 -12.29 -23.35
N TYR A 231 1.71 -11.26 -23.91
CA TYR A 231 1.53 -9.91 -23.36
C TYR A 231 0.15 -9.33 -23.67
N GLU A 232 -0.37 -9.63 -24.86
CA GLU A 232 -1.73 -9.23 -25.22
C GLU A 232 -2.75 -9.79 -24.22
N LYS A 233 -2.57 -11.06 -23.84
CA LYS A 233 -3.46 -11.68 -22.85
C LYS A 233 -3.31 -11.00 -21.50
N PHE A 234 -2.09 -10.59 -21.15
CA PHE A 234 -1.87 -9.88 -19.90
C PHE A 234 -2.61 -8.54 -19.88
N ILE A 235 -2.52 -7.78 -20.98
CA ILE A 235 -3.27 -6.52 -21.07
C ILE A 235 -4.75 -6.77 -20.84
N ALA A 236 -5.30 -7.79 -21.51
CA ALA A 236 -6.72 -8.13 -21.39
C ALA A 236 -7.07 -8.48 -19.95
N TYR A 237 -6.17 -9.22 -19.31
CA TYR A 237 -6.33 -9.62 -17.91
C TYR A 237 -6.35 -8.40 -16.99
N ALA A 238 -5.33 -7.55 -17.11
CA ALA A 238 -5.28 -6.31 -16.35
C ALA A 238 -6.53 -5.45 -16.55
N ASN A 239 -6.94 -5.32 -17.80
CA ASN A 239 -8.13 -4.53 -18.11
C ASN A 239 -9.42 -5.13 -17.54
N ASP A 240 -9.50 -6.44 -17.52
CA ASP A 240 -10.64 -7.14 -16.92
CA ASP A 240 -10.67 -7.09 -16.92
C ASP A 240 -10.71 -6.89 -15.41
N LEU A 241 -9.57 -7.03 -14.73
CA LEU A 241 -9.53 -6.74 -13.30
C LEU A 241 -9.88 -5.28 -13.02
N ALA A 242 -9.38 -4.37 -13.86
CA ALA A 242 -9.73 -2.96 -13.68
C ALA A 242 -11.24 -2.75 -13.81
N ARG A 243 -11.87 -3.42 -14.77
CA ARG A 243 -13.31 -3.31 -14.98
C ARG A 243 -14.07 -3.83 -13.76
N ILE A 244 -13.63 -4.97 -13.23
CA ILE A 244 -14.21 -5.56 -12.03
C ILE A 244 -14.13 -4.60 -10.84
N VAL A 245 -12.94 -4.07 -10.59
CA VAL A 245 -12.72 -3.15 -9.47
C VAL A 245 -13.57 -1.89 -9.61
N LYS A 246 -13.56 -1.30 -10.81
CA LYS A 246 -14.34 -0.10 -11.10
C LYS A 246 -15.84 -0.31 -10.92
N SER A 247 -16.34 -1.51 -11.22
CA SER A 247 -17.79 -1.77 -11.08
C SER A 247 -18.23 -1.64 -9.62
N HIS A 248 -17.29 -1.81 -8.68
CA HIS A 248 -17.56 -1.65 -7.24
C HIS A 248 -17.28 -0.24 -6.73
N GLY A 249 -17.06 0.70 -7.66
CA GLY A 249 -16.83 2.09 -7.30
C GLY A 249 -15.43 2.33 -6.74
N LEU A 250 -14.53 1.37 -6.93
CA LEU A 250 -13.17 1.51 -6.41
C LEU A 250 -12.22 1.91 -7.54
N LYS A 251 -11.17 2.66 -7.21
CA LYS A 251 -10.15 3.01 -8.19
C LYS A 251 -9.11 1.90 -8.23
N PRO A 252 -8.92 1.27 -9.40
CA PRO A 252 -7.89 0.24 -9.47
C PRO A 252 -6.47 0.84 -9.48
N MET A 253 -5.55 0.16 -8.81
CA MET A 253 -4.16 0.58 -8.79
C MET A 253 -3.29 -0.62 -9.13
N ALA A 254 -2.12 -0.36 -9.73
CA ALA A 254 -1.18 -1.44 -10.07
C ALA A 254 0.23 -0.94 -10.09
N PHE A 255 1.17 -1.86 -9.81
CA PHE A 255 2.58 -1.52 -9.87
C PHE A 255 3.00 -1.36 -11.34
N ASN A 256 4.03 -0.54 -11.58
CA ASN A 256 4.34 -0.06 -12.93
C ASN A 256 5.02 -1.03 -13.88
N ASP A 257 5.78 -1.99 -13.35
CA ASP A 257 6.79 -2.65 -14.18
C ASP A 257 6.25 -3.36 -15.43
N GLY A 258 5.07 -3.97 -15.33
CA GLY A 258 4.49 -4.60 -16.51
C GLY A 258 3.60 -3.73 -17.39
N ILE A 259 3.44 -2.46 -17.02
CA ILE A 259 2.57 -1.54 -17.76
C ILE A 259 3.38 -0.89 -18.89
N TYR A 260 3.02 -1.19 -20.14
CA TYR A 260 3.85 -0.80 -21.30
C TYR A 260 5.33 -1.17 -21.10
N TYR A 261 5.57 -2.40 -20.72
CA TYR A 261 6.94 -2.89 -20.59
C TYR A 261 7.70 -2.65 -21.89
N ASN A 262 8.96 -2.26 -21.78
CA ASN A 262 9.81 -1.89 -22.92
C ASN A 262 9.27 -0.71 -23.73
N SER A 263 8.41 0.09 -23.08
CA SER A 263 7.72 1.22 -23.72
C SER A 263 6.91 0.78 -24.94
N ASP A 264 6.53 -0.50 -24.95
CA ASP A 264 5.85 -1.05 -26.11
C ASP A 264 4.34 -0.86 -26.01
N THR A 265 3.82 0.01 -26.87
CA THR A 265 2.39 0.33 -26.89
C THR A 265 1.64 -0.45 -27.99
N SER A 266 2.35 -1.33 -28.68
CA SER A 266 1.82 -2.03 -29.86
C SER A 266 0.95 -3.25 -29.58
N PHE A 267 0.91 -3.73 -28.34
CA PHE A 267 0.12 -4.93 -27.99
C PHE A 267 -1.32 -4.61 -27.60
N GLY A 268 -1.59 -3.36 -27.29
CA GLY A 268 -2.87 -2.95 -26.77
C GLY A 268 -2.70 -1.82 -25.78
N SER A 269 -3.80 -1.41 -25.17
CA SER A 269 -3.81 -0.27 -24.27
C SER A 269 -4.35 -0.65 -22.91
N PHE A 270 -3.65 -0.18 -21.88
CA PHE A 270 -4.09 -0.35 -20.50
C PHE A 270 -5.20 0.63 -20.13
N ASP A 271 -6.15 0.18 -19.31
CA ASP A 271 -7.24 1.02 -18.81
C ASP A 271 -6.63 2.25 -18.08
N LYS A 272 -7.01 3.44 -18.54
CA LYS A 272 -6.42 4.68 -18.04
C LYS A 272 -6.80 4.95 -16.60
N ASP A 273 -7.86 4.29 -16.14
CA ASP A 273 -8.35 4.49 -14.79
C ASP A 273 -7.48 3.74 -13.77
N ILE A 274 -6.55 2.94 -14.27
CA ILE A 274 -5.56 2.30 -13.39
C ILE A 274 -4.55 3.34 -12.89
N ILE A 275 -4.56 3.59 -11.59
CA ILE A 275 -3.54 4.41 -10.94
C ILE A 275 -2.26 3.59 -10.95
N VAL A 276 -1.15 4.21 -11.31
CA VAL A 276 0.12 3.48 -11.32
C VAL A 276 0.94 3.73 -10.06
N SER A 277 1.27 2.65 -9.35
CA SER A 277 2.20 2.71 -8.23
C SER A 277 3.59 2.54 -8.86
N MET A 278 4.30 3.66 -9.01
CA MET A 278 5.60 3.67 -9.68
C MET A 278 6.67 3.36 -8.63
N TRP A 279 7.12 2.10 -8.63
CA TRP A 279 8.11 1.63 -7.65
C TRP A 279 9.51 1.45 -8.21
N THR A 280 9.60 1.17 -9.52
CA THR A 280 10.90 0.87 -10.13
C THR A 280 11.18 1.67 -11.40
N GLY A 281 12.44 2.10 -11.55
CA GLY A 281 12.89 2.64 -12.84
C GLY A 281 13.52 1.57 -13.71
N GLY A 282 13.40 0.32 -13.28
CA GLY A 282 13.98 -0.81 -14.01
C GLY A 282 15.48 -0.93 -13.75
N TRP A 283 16.11 -1.85 -14.47
CA TRP A 283 17.54 -2.13 -14.31
C TRP A 283 18.07 -2.77 -15.59
N GLY A 284 19.34 -3.14 -15.62
CA GLY A 284 19.95 -3.73 -16.82
C GLY A 284 19.18 -4.95 -17.28
N GLY A 285 18.64 -4.89 -18.49
CA GLY A 285 17.84 -5.97 -19.06
C GLY A 285 16.39 -5.99 -18.62
N TYR A 286 15.95 -4.91 -17.96
CA TYR A 286 14.58 -4.84 -17.45
C TYR A 286 14.09 -3.43 -17.70
N ASP A 287 13.66 -3.20 -18.94
CA ASP A 287 13.40 -1.86 -19.42
C ASP A 287 11.94 -1.54 -19.28
N VAL A 288 11.61 -0.80 -18.22
CA VAL A 288 10.21 -0.45 -17.94
C VAL A 288 9.86 0.85 -18.65
N ALA A 289 8.56 1.08 -18.84
CA ALA A 289 8.09 2.39 -19.32
C ALA A 289 8.50 3.50 -18.37
N SER A 290 8.89 4.65 -18.90
CA SER A 290 9.13 5.79 -18.04
C SER A 290 7.82 6.27 -17.40
N SER A 291 7.93 6.96 -16.27
CA SER A 291 6.79 7.61 -15.66
C SER A 291 6.26 8.72 -16.60
N LYS A 292 7.15 9.28 -17.41
CA LYS A 292 6.76 10.22 -18.47
C LYS A 292 5.73 9.61 -19.44
N LEU A 293 6.05 8.43 -19.97
CA LEU A 293 5.14 7.72 -20.88
C LEU A 293 3.82 7.40 -20.21
N LEU A 294 3.89 6.89 -18.98
CA LEU A 294 2.67 6.50 -18.28
C LEU A 294 1.77 7.70 -18.05
N ALA A 295 2.34 8.84 -17.63
CA ALA A 295 1.56 10.08 -17.48
C ALA A 295 0.94 10.51 -18.82
N GLU A 296 1.74 10.42 -19.88
CA GLU A 296 1.27 10.80 -21.21
C GLU A 296 0.16 9.91 -21.75
N LYS A 297 0.17 8.64 -21.36
CA LYS A 297 -0.91 7.71 -21.69
C LYS A 297 -2.18 7.96 -20.87
N GLY A 298 -2.08 8.83 -19.87
CA GLY A 298 -3.25 9.25 -19.10
C GLY A 298 -3.43 8.63 -17.73
N HIS A 299 -2.36 8.04 -17.18
CA HIS A 299 -2.41 7.42 -15.84
C HIS A 299 -1.96 8.40 -14.75
N GLN A 300 -2.72 8.49 -13.66
CA GLN A 300 -2.27 9.11 -12.42
C GLN A 300 -1.22 8.23 -11.79
N ILE A 301 -0.28 8.86 -11.08
CA ILE A 301 0.87 8.13 -10.51
C ILE A 301 1.00 8.35 -9.01
N LEU A 302 1.13 7.24 -8.26
CA LEU A 302 1.47 7.29 -6.83
C LEU A 302 2.95 6.96 -6.73
N ASN A 303 3.75 7.92 -6.27
CA ASN A 303 5.18 7.71 -6.17
C ASN A 303 5.52 6.67 -5.10
N THR A 304 6.05 5.53 -5.53
CA THR A 304 6.29 4.41 -4.61
C THR A 304 7.75 4.02 -4.72
N ASN A 305 8.60 5.03 -4.87
CA ASN A 305 10.01 4.83 -5.18
C ASN A 305 10.66 3.79 -4.24
N ASP A 306 11.26 2.76 -4.84
CA ASP A 306 11.97 1.71 -4.07
C ASP A 306 13.25 2.23 -3.41
N ALA A 307 13.59 3.49 -3.65
CA ALA A 307 14.63 4.16 -2.87
C ALA A 307 14.31 4.02 -1.37
N TRP A 308 13.02 3.98 -1.02
CA TRP A 308 12.57 4.06 0.38
C TRP A 308 12.21 2.70 0.98
N TYR A 309 12.38 1.63 0.20
CA TYR A 309 11.98 0.29 0.61
C TYR A 309 12.76 -0.24 1.81
N TYR A 310 12.07 -1.00 2.64
CA TYR A 310 12.69 -1.70 3.77
C TYR A 310 12.18 -3.14 3.84
N VAL A 311 13.09 -4.11 3.77
CA VAL A 311 12.71 -5.51 3.94
C VAL A 311 13.00 -5.91 5.40
N LEU A 312 11.97 -6.36 6.10
CA LEU A 312 12.10 -6.75 7.51
C LEU A 312 13.27 -7.69 7.75
N GLY A 313 14.00 -7.44 8.82
CA GLY A 313 15.15 -8.27 9.14
C GLY A 313 16.46 -7.84 8.49
N ARG A 314 16.40 -7.08 7.41
CA ARG A 314 17.62 -6.52 6.82
C ARG A 314 17.75 -5.16 7.46
N ASN A 315 18.45 -5.15 8.59
CA ASN A 315 18.31 -4.07 9.55
C ASN A 315 19.43 -3.04 9.59
N ALA A 316 20.49 -3.31 8.84
CA ALA A 316 21.65 -2.43 8.83
C ALA A 316 22.46 -2.61 7.55
N ASP A 317 23.38 -1.67 7.31
CA ASP A 317 24.25 -1.74 6.13
C ASP A 317 24.91 -3.11 6.02
N GLY A 318 24.98 -3.64 4.80
CA GLY A 318 25.58 -4.94 4.55
C GLY A 318 24.62 -6.12 4.63
N GLN A 319 23.43 -5.91 5.18
CA GLN A 319 22.46 -7.00 5.37
C GLN A 319 21.56 -7.29 4.15
N GLY A 320 21.83 -6.63 3.05
CA GLY A 320 21.20 -6.98 1.78
C GLY A 320 20.44 -5.83 1.17
N TRP A 321 19.81 -6.08 0.03
CA TRP A 321 19.06 -5.04 -0.68
C TRP A 321 17.81 -4.62 0.10
N TYR A 322 17.52 -3.33 0.07
CA TYR A 322 16.44 -2.74 0.85
C TYR A 322 16.62 -2.92 2.36
N ASN A 323 17.87 -2.90 2.83
CA ASN A 323 18.12 -2.88 4.27
C ASN A 323 17.72 -1.52 4.84
N LEU A 324 17.50 -1.48 6.14
CA LEU A 324 16.97 -0.28 6.76
C LEU A 324 17.87 0.94 6.55
N ASP A 325 19.19 0.75 6.63
CA ASP A 325 20.12 1.87 6.42
C ASP A 325 20.03 2.38 4.99
N GLN A 326 19.89 1.46 4.05
CA GLN A 326 19.70 1.83 2.65
C GLN A 326 18.40 2.64 2.49
N GLY A 327 17.31 2.16 3.09
CA GLY A 327 16.01 2.86 3.00
C GLY A 327 16.05 4.25 3.61
N LEU A 328 16.68 4.36 4.78
CA LEU A 328 16.81 5.66 5.41
C LEU A 328 17.68 6.60 4.56
N ASN A 329 18.74 6.06 3.95
CA ASN A 329 19.52 6.84 2.97
C ASN A 329 18.67 7.29 1.79
N GLY A 330 17.86 6.37 1.27
CA GLY A 330 16.95 6.70 0.17
C GLY A 330 15.99 7.81 0.55
N ILE A 331 15.44 7.73 1.76
CA ILE A 331 14.54 8.79 2.26
C ILE A 331 15.26 10.15 2.36
N LYS A 332 16.50 10.13 2.82
CA LYS A 332 17.29 11.35 2.96
C LYS A 332 17.67 11.98 1.61
N ASN A 333 17.82 11.15 0.58
CA ASN A 333 18.38 11.59 -0.71
C ASN A 333 17.39 11.67 -1.87
N THR A 334 16.21 11.09 -1.71
CA THR A 334 15.22 11.02 -2.77
C THR A 334 13.89 11.55 -2.23
N PRO A 335 13.56 12.82 -2.54
CA PRO A 335 12.34 13.41 -1.95
C PRO A 335 11.06 12.78 -2.50
N ILE A 336 9.95 13.03 -1.81
CA ILE A 336 8.64 12.50 -2.20
C ILE A 336 8.26 12.86 -3.64
N THR A 337 8.83 13.93 -4.18
CA THR A 337 8.53 14.39 -5.53
C THR A 337 9.36 13.72 -6.62
N SER A 338 10.39 12.98 -6.21
CA SER A 338 11.31 12.32 -7.15
CA SER A 338 11.30 12.32 -7.15
C SER A 338 10.79 10.92 -7.54
N VAL A 339 10.19 10.85 -8.73
CA VAL A 339 9.56 9.63 -9.30
C VAL A 339 10.59 8.83 -10.11
N PRO A 340 10.53 7.47 -10.05
CA PRO A 340 11.42 6.70 -10.92
C PRO A 340 11.27 7.02 -12.42
N LYS A 341 12.40 7.04 -13.11
CA LYS A 341 12.48 7.12 -14.58
C LYS A 341 11.60 8.22 -15.22
N THR A 342 11.91 9.47 -14.91
CA THR A 342 11.14 10.62 -15.41
C THR A 342 11.49 11.04 -16.84
N GLU A 343 12.61 10.54 -17.35
CA GLU A 343 13.20 11.02 -18.61
C GLU A 343 13.47 12.53 -18.57
N GLY A 344 13.61 13.07 -17.36
CA GLY A 344 13.83 14.51 -17.17
C GLY A 344 12.54 15.35 -17.15
N ALA A 345 11.39 14.70 -17.36
CA ALA A 345 10.11 15.42 -17.39
C ALA A 345 9.62 15.76 -15.99
N ASP A 346 8.70 16.72 -15.92
CA ASP A 346 8.06 17.04 -14.66
C ASP A 346 6.85 16.11 -14.51
N ILE A 347 6.95 15.17 -13.58
CA ILE A 347 5.92 14.16 -13.37
C ILE A 347 5.04 14.51 -12.17
N PRO A 348 3.74 14.77 -12.42
CA PRO A 348 2.84 15.05 -11.30
C PRO A 348 2.54 13.77 -10.53
N ILE A 349 2.19 13.91 -9.26
CA ILE A 349 1.96 12.74 -8.41
C ILE A 349 0.69 12.93 -7.62
N ILE A 350 0.05 11.83 -7.22
CA ILE A 350 -1.08 11.92 -6.30
C ILE A 350 -0.62 11.88 -4.84
N GLY A 351 0.64 11.52 -4.65
CA GLY A 351 1.21 11.35 -3.33
C GLY A 351 2.41 10.41 -3.37
N GLY A 352 2.88 10.03 -2.19
CA GLY A 352 4.05 9.16 -2.04
C GLY A 352 3.77 8.03 -1.08
N MET A 353 4.45 6.91 -1.27
CA MET A 353 4.23 5.73 -0.45
C MET A 353 5.55 5.08 -0.10
N VAL A 354 5.83 5.00 1.19
CA VAL A 354 6.99 4.30 1.73
C VAL A 354 6.55 2.88 2.08
N ALA A 355 7.33 1.88 1.66
CA ALA A 355 6.89 0.49 1.73
C ALA A 355 7.82 -0.43 2.52
N ALA A 356 7.24 -1.19 3.46
CA ALA A 356 7.96 -2.21 4.23
C ALA A 356 7.49 -3.60 3.80
N TRP A 357 8.46 -4.48 3.56
CA TRP A 357 8.21 -5.77 2.92
C TRP A 357 8.69 -6.94 3.77
N ALA A 358 8.14 -8.12 3.51
CA ALA A 358 8.52 -9.30 4.30
C ALA A 358 8.97 -10.44 3.40
N ASP A 359 9.85 -10.12 2.45
CA ASP A 359 10.43 -11.09 1.50
C ASP A 359 10.90 -12.37 2.19
N THR A 360 11.44 -12.21 3.40
CA THR A 360 11.77 -13.31 4.28
C THR A 360 10.80 -13.23 5.46
N PRO A 361 9.63 -13.89 5.34
CA PRO A 361 8.58 -13.61 6.30
C PRO A 361 8.83 -14.18 7.70
N SER A 362 9.84 -15.04 7.84
CA SER A 362 10.24 -15.53 9.17
C SER A 362 11.06 -14.48 9.95
N ALA A 363 11.43 -13.39 9.28
CA ALA A 363 12.16 -12.31 9.95
C ALA A 363 11.33 -11.75 11.08
N ARG A 364 11.99 -11.27 12.13
CA ARG A 364 11.28 -10.61 13.21
C ARG A 364 10.75 -9.25 12.78
N TYR A 365 9.46 -9.03 12.99
CA TYR A 365 8.90 -7.69 12.80
C TYR A 365 9.30 -6.81 14.00
N SER A 366 10.00 -5.71 13.69
CA SER A 366 10.41 -4.74 14.69
C SER A 366 9.67 -3.41 14.51
N PRO A 367 8.65 -3.15 15.36
CA PRO A 367 7.88 -1.92 15.25
C PRO A 367 8.75 -0.67 15.30
N SER A 368 9.71 -0.62 16.23
CA SER A 368 10.54 0.57 16.34
C SER A 368 11.27 0.90 15.05
N ARG A 369 11.75 -0.13 14.33
CA ARG A 369 12.45 0.08 13.06
C ARG A 369 11.51 0.57 11.95
N LEU A 370 10.32 -0.03 11.87
CA LEU A 370 9.30 0.45 10.94
C LEU A 370 8.95 1.90 11.27
N PHE A 371 8.74 2.22 12.55
CA PHE A 371 8.36 3.60 12.91
C PHE A 371 9.48 4.59 12.59
N LYS A 372 10.73 4.17 12.76
CA LYS A 372 11.86 5.03 12.37
C LYS A 372 11.82 5.35 10.87
N LEU A 373 11.59 4.33 10.05
CA LEU A 373 11.42 4.52 8.60
C LEU A 373 10.28 5.50 8.34
N MET A 374 9.13 5.27 8.97
CA MET A 374 7.96 6.14 8.77
C MET A 374 8.22 7.56 9.21
N ARG A 375 8.93 7.71 10.34
CA ARG A 375 9.24 9.03 10.89
C ARG A 375 10.21 9.80 9.99
N HIS A 376 11.23 9.12 9.48
CA HIS A 376 12.19 9.78 8.56
C HIS A 376 11.53 10.25 7.27
N PHE A 377 10.64 9.42 6.71
CA PHE A 377 9.88 9.80 5.50
C PHE A 377 9.07 11.08 5.71
N ALA A 378 8.45 11.18 6.88
CA ALA A 378 7.65 12.35 7.23
C ALA A 378 8.55 13.56 7.47
N ASN A 379 9.63 13.37 8.23
CA ASN A 379 10.56 14.45 8.51
C ASN A 379 11.27 15.00 7.27
N ALA A 380 11.63 14.10 6.35
CA ALA A 380 12.37 14.51 5.14
C ALA A 380 11.50 15.30 4.17
N ASN A 381 10.19 15.14 4.30
CA ASN A 381 9.22 15.78 3.42
C ASN A 381 8.17 16.53 4.22
N ALA A 382 8.62 17.26 5.24
CA ALA A 382 7.74 17.70 6.31
C ALA A 382 6.62 18.65 5.86
N GLU A 383 6.86 19.41 4.79
CA GLU A 383 5.83 20.31 4.25
C GLU A 383 4.62 19.55 3.69
N TYR A 384 4.80 18.27 3.37
CA TYR A 384 3.75 17.41 2.80
C TYR A 384 2.89 16.72 3.86
N PHE A 385 3.46 16.53 5.05
CA PHE A 385 2.78 15.76 6.11
C PHE A 385 1.99 16.64 7.06
N ALA A 386 0.83 16.17 7.45
CA ALA A 386 -0.02 16.89 8.40
C ALA A 386 0.68 17.05 9.75
N ALA A 387 0.48 18.21 10.37
CA ALA A 387 0.94 18.43 11.75
C ALA A 387 0.13 17.57 12.72
N ASP A 388 0.61 17.50 13.95
CA ASP A 388 -0.04 16.73 14.99
C ASP A 388 -0.72 17.69 15.96
N TYR A 389 -2.05 17.62 16.02
CA TYR A 389 -2.84 18.43 16.94
C TYR A 389 -3.32 17.66 18.17
N GLU A 390 -2.91 16.40 18.30
CA GLU A 390 -3.49 15.59 19.36
C GLU A 390 -3.13 16.07 20.77
N SER A 391 -1.89 16.52 20.95
CA SER A 391 -1.49 17.07 22.25
C SER A 391 -2.11 18.43 22.51
N ALA A 392 -2.36 19.20 21.45
CA ALA A 392 -3.08 20.47 21.59
C ALA A 392 -4.50 20.23 22.08
N GLU A 393 -5.16 19.25 21.48
CA GLU A 393 -6.51 18.86 21.84
C GLU A 393 -6.57 18.41 23.31
N GLN A 394 -5.61 17.57 23.69
CA GLN A 394 -5.50 17.10 25.08
C GLN A 394 -5.22 18.25 26.05
N ALA A 395 -4.36 19.19 25.66
CA ALA A 395 -4.07 20.36 26.51
C ALA A 395 -5.32 21.20 26.76
N LEU A 396 -6.12 21.38 25.73
CA LEU A 396 -7.37 22.11 25.88
C LEU A 396 -8.31 21.37 26.83
N ASN A 397 -8.38 20.04 26.70
CA ASN A 397 -9.16 19.22 27.62
C ASN A 397 -8.73 19.33 29.08
N GLU A 398 -7.46 19.67 29.30
CA GLU A 398 -6.87 19.74 30.62
C GLU A 398 -6.96 21.13 31.29
N VAL A 399 -7.47 22.11 30.57
CA VAL A 399 -7.65 23.46 31.16
C VAL A 399 -8.77 23.40 32.24
N PRO A 400 -8.55 24.06 33.39
CA PRO A 400 -9.64 24.11 34.37
C PRO A 400 -10.87 24.79 33.75
N LYS A 401 -12.03 24.17 33.92
CA LYS A 401 -13.25 24.66 33.29
C LYS A 401 -13.75 25.97 33.90
N ASP A 402 -13.63 26.10 35.23
CA ASP A 402 -14.18 27.22 35.99
C ASP A 402 -13.06 28.08 36.53
N LEU A 403 -13.02 29.34 36.12
CA LEU A 403 -11.89 30.20 36.50
C LEU A 403 -12.28 31.31 37.47
N ASN A 404 -13.53 31.29 37.95
CA ASN A 404 -14.02 32.38 38.79
C ASN A 404 -13.20 32.69 40.04
N ARG A 405 -12.60 31.66 40.64
CA ARG A 405 -11.84 31.87 41.88
C ARG A 405 -10.45 32.47 41.67
N TYR A 406 -10.09 32.74 40.42
CA TYR A 406 -8.78 33.31 40.12
C TYR A 406 -8.85 34.78 39.77
N THR A 407 -7.71 35.48 39.88
CA THR A 407 -7.67 36.92 39.60
C THR A 407 -8.01 37.24 38.15
N ALA A 408 -8.64 38.39 37.90
CA ALA A 408 -9.01 38.77 36.53
C ALA A 408 -7.79 38.74 35.60
N GLU A 409 -6.66 39.24 36.08
CA GLU A 409 -5.47 39.28 35.24
C GLU A 409 -4.99 37.88 34.82
N SER A 410 -4.92 36.96 35.78
CA SER A 410 -4.45 35.60 35.46
C SER A 410 -5.48 34.84 34.60
N VAL A 411 -6.76 35.14 34.81
CA VAL A 411 -7.85 34.56 33.99
C VAL A 411 -7.72 34.99 32.54
N THR A 412 -7.54 36.29 32.32
CA THR A 412 -7.42 36.83 30.97
C THR A 412 -6.28 36.13 30.20
N ALA A 413 -5.16 35.92 30.87
CA ALA A 413 -4.01 35.25 30.26
C ALA A 413 -4.32 33.83 29.77
N VAL A 414 -5.03 33.06 30.60
CA VAL A 414 -5.49 31.72 30.20
C VAL A 414 -6.45 31.78 29.03
N LYS A 415 -7.44 32.66 29.10
CA LYS A 415 -8.41 32.77 28.00
C LYS A 415 -7.72 33.14 26.69
N GLU A 416 -6.73 34.05 26.76
CA GLU A 416 -5.99 34.44 25.54
C GLU A 416 -5.20 33.28 24.96
N ALA A 417 -4.55 32.52 25.85
CA ALA A 417 -3.75 31.36 25.42
C ALA A 417 -4.64 30.27 24.81
N GLU A 418 -5.82 30.06 25.40
CA GLU A 418 -6.80 29.12 24.86
C GLU A 418 -7.24 29.55 23.47
N LYS A 419 -7.58 30.83 23.33
CA LYS A 419 -8.00 31.41 22.05
C LYS A 419 -6.92 31.21 20.99
N ALA A 420 -5.67 31.39 21.39
CA ALA A 420 -4.54 31.27 20.50
C ALA A 420 -4.42 29.86 19.90
N ILE A 421 -4.55 28.83 20.73
CA ILE A 421 -4.50 27.45 20.24
C ILE A 421 -5.67 27.20 19.31
N ARG A 422 -6.85 27.61 19.75
CA ARG A 422 -8.05 27.44 18.93
C ARG A 422 -8.00 28.25 17.62
N SER A 423 -7.14 29.27 17.57
CA SER A 423 -6.99 30.10 16.36
C SER A 423 -5.93 29.62 15.39
N LEU A 424 -5.18 28.58 15.77
CA LEU A 424 -4.20 28.01 14.88
C LEU A 424 -4.88 27.55 13.60
N ASP A 425 -4.21 27.77 12.48
CA ASP A 425 -4.63 27.19 11.20
C ASP A 425 -4.81 25.69 11.45
N SER A 426 -5.92 25.13 10.97
CA SER A 426 -6.24 23.72 11.21
C SER A 426 -5.57 22.79 10.22
N ASN A 427 -4.85 23.37 9.25
CA ASN A 427 -4.19 22.65 8.16
C ASN A 427 -2.70 22.91 8.10
N LEU A 428 -2.04 22.89 9.26
CA LEU A 428 -0.60 23.13 9.30
C LEU A 428 0.13 21.84 8.93
N SER A 429 1.36 21.99 8.47
CA SER A 429 2.18 20.83 8.13
C SER A 429 3.11 20.50 9.26
N ARG A 430 3.68 19.30 9.20
CA ARG A 430 4.70 18.88 10.14
C ARG A 430 5.87 19.89 10.24
N ALA A 431 6.18 20.57 9.14
CA ALA A 431 7.22 21.61 9.13
C ALA A 431 6.94 22.77 10.09
N GLN A 432 5.67 22.94 10.45
CA GLN A 432 5.25 24.02 11.33
C GLN A 432 4.79 23.52 12.71
N GLN A 433 5.23 22.32 13.08
CA GLN A 433 4.84 21.72 14.36
C GLN A 433 5.23 22.61 15.53
N ASP A 434 6.36 23.29 15.41
CA ASP A 434 6.84 24.17 16.47
C ASP A 434 5.81 25.22 16.90
N THR A 435 5.01 25.70 15.95
CA THR A 435 4.00 26.73 16.24
C THR A 435 2.93 26.17 17.18
N ILE A 436 2.53 24.93 16.93
CA ILE A 436 1.55 24.26 17.76
C ILE A 436 2.13 24.02 19.14
N ASP A 437 3.35 23.48 19.18
CA ASP A 437 3.98 23.14 20.45
C ASP A 437 4.21 24.36 21.32
N GLN A 438 4.58 25.47 20.69
CA GLN A 438 4.76 26.74 21.38
C GLN A 438 3.44 27.21 21.99
N ALA A 439 2.36 27.09 21.23
CA ALA A 439 1.02 27.47 21.71
C ALA A 439 0.59 26.62 22.91
N ILE A 440 0.87 25.32 22.86
CA ILE A 440 0.58 24.43 24.00
C ILE A 440 1.37 24.86 25.24
N ALA A 441 2.66 25.15 25.05
CA ALA A 441 3.54 25.55 26.16
C ALA A 441 3.03 26.85 26.81
N LYS A 442 2.61 27.79 25.96
CA LYS A 442 2.07 29.05 26.46
C LYS A 442 0.80 28.79 27.28
N LEU A 443 -0.09 27.93 26.80
CA LEU A 443 -1.30 27.61 27.58
C LEU A 443 -0.94 27.03 28.94
N GLN A 444 -0.03 26.05 28.94
CA GLN A 444 0.35 25.39 30.19
C GLN A 444 0.95 26.39 31.17
N GLU A 445 1.72 27.34 30.65
CA GLU A 445 2.33 28.39 31.46
C GLU A 445 1.27 29.30 32.10
N THR A 446 0.30 29.75 31.31
CA THR A 446 -0.76 30.61 31.85
C THR A 446 -1.61 29.89 32.87
N VAL A 447 -1.91 28.62 32.63
CA VAL A 447 -2.69 27.84 33.61
C VAL A 447 -1.89 27.73 34.92
N ASN A 448 -0.59 27.44 34.80
CA ASN A 448 0.24 27.29 36.00
C ASN A 448 0.33 28.57 36.82
N ASN A 449 0.20 29.70 36.12
CA ASN A 449 0.27 31.03 36.73
C ASN A 449 -1.07 31.57 37.26
N LEU A 450 -2.14 30.79 37.12
CA LEU A 450 -3.44 31.18 37.69
C LEU A 450 -3.24 31.41 39.18
N THR A 451 -3.79 32.53 39.64
CA THR A 451 -3.58 33.01 40.99
C THR A 451 -4.94 33.20 41.66
N LEU A 452 -5.13 32.52 42.79
CA LEU A 452 -6.35 32.66 43.58
C LEU A 452 -6.50 34.10 44.04
N THR A 453 -7.73 34.58 43.98
CA THR A 453 -8.07 35.91 44.49
C THR A 453 -7.74 35.99 45.99
N PRO A 454 -7.33 37.18 46.46
CA PRO A 454 -7.04 37.33 47.89
C PRO A 454 -8.15 36.79 48.80
#